data_2HVW
#
_entry.id   2HVW
#
_cell.length_a   95.498
_cell.length_b   99.657
_cell.length_c   141.388
_cell.angle_alpha   90.00
_cell.angle_beta   90.00
_cell.angle_gamma   90.00
#
_symmetry.space_group_name_H-M   'C 2 2 21'
#
loop_
_entity.id
_entity.type
_entity.pdbx_description
1 polymer 'deoxycytidylate deaminase'
2 non-polymer 'ZINC ION'
3 non-polymer 'MAGNESIUM ION'
4 non-polymer "2'-DEOXYCYTIDINE-5'-TRIPHOSPHATE"
5 non-polymer "3,4-DIHYDRO-2'-DEOXYURIDINE-5'-MONOPHOSPHATE"
6 non-polymer '1,4-DIETHYLENE DIOXIDE'
7 water water
#
_entity_poly.entity_id   1
_entity_poly.type   'polypeptide(L)'
_entity_poly.pdbx_seq_one_letter_code
;MGSSHHHHHHSSGLVPRGSHMASMTGGQQMGRGSMTNRLSWQDYFMANAELISKRSTCNRAYVGAVLVKNNRIIATGYNG
GVADTDNCDDVGHEMEDGHCIRTVHAEMNALIQCAKEGISANNTEIYVTHFPCINCTKALLQAGVKKITYNTAYRIHPFA
IELMTQKEVEYVQHDVPRVKLGEK
;
_entity_poly.pdbx_strand_id   A,B,C
#
# COMPACT_ATOMS: atom_id res chain seq x y z
N ASN A 37 -23.27 36.91 -1.23
CA ASN A 37 -21.92 37.14 -1.80
C ASN A 37 -20.84 36.40 -1.00
N ARG A 38 -21.29 35.60 -0.04
CA ARG A 38 -20.43 34.67 0.69
C ARG A 38 -19.66 33.81 -0.33
N LEU A 39 -18.43 33.42 0.01
CA LEU A 39 -17.69 32.51 -0.87
C LEU A 39 -18.42 31.18 -1.03
N SER A 40 -18.65 30.80 -2.29
CA SER A 40 -19.17 29.46 -2.61
C SER A 40 -18.14 28.42 -2.14
N TRP A 41 -18.57 27.15 -2.04
CA TRP A 41 -17.64 26.08 -1.68
C TRP A 41 -16.44 26.03 -2.64
N GLN A 42 -16.71 26.11 -3.94
CA GLN A 42 -15.66 26.12 -4.94
C GLN A 42 -14.66 27.25 -4.71
N ASP A 43 -15.18 28.47 -4.49
CA ASP A 43 -14.31 29.62 -4.23
C ASP A 43 -13.55 29.50 -2.91
N TYR A 44 -14.25 29.01 -1.88
CA TYR A 44 -13.68 28.79 -0.55
C TYR A 44 -12.46 27.88 -0.61
N PHE A 45 -12.59 26.76 -1.32
CA PHE A 45 -11.50 25.78 -1.33
C PHE A 45 -10.40 26.16 -2.30
N MET A 46 -10.75 26.80 -3.42
CA MET A 46 -9.70 27.29 -4.35
C MET A 46 -8.88 28.41 -3.69
N ALA A 47 -9.55 29.31 -2.97
CA ALA A 47 -8.86 30.32 -2.17
C ALA A 47 -7.91 29.63 -1.18
N ASN A 48 -8.41 28.57 -0.53
CA ASN A 48 -7.58 27.87 0.43
C ASN A 48 -6.33 27.27 -0.24
N ALA A 49 -6.52 26.64 -1.39
CA ALA A 49 -5.40 26.04 -2.13
C ALA A 49 -4.34 27.11 -2.42
N GLU A 50 -4.79 28.27 -2.87
CA GLU A 50 -3.83 29.36 -3.12
C GLU A 50 -3.10 29.82 -1.86
N LEU A 51 -3.83 29.95 -0.76
CA LEU A 51 -3.19 30.32 0.49
C LEU A 51 -2.17 29.24 0.89
N ILE A 52 -2.56 27.98 0.74
CA ILE A 52 -1.67 26.86 1.08
C ILE A 52 -0.37 26.91 0.27
N SER A 53 -0.46 27.37 -0.98
CA SER A 53 0.71 27.49 -1.87
C SER A 53 1.73 28.53 -1.39
N LYS A 54 1.34 29.39 -0.45
CA LYS A 54 2.22 30.50 -0.02
C LYS A 54 3.52 30.07 0.69
N ARG A 55 3.58 28.81 1.12
CA ARG A 55 4.81 28.30 1.70
C ARG A 55 5.65 27.46 0.72
N SER A 56 5.25 27.40 -0.55
CA SER A 56 6.01 26.66 -1.56
C SER A 56 7.47 27.14 -1.59
N THR A 57 8.39 26.19 -1.73
CA THR A 57 9.83 26.51 -1.72
C THR A 57 10.51 26.12 -3.05
N CYS A 58 9.71 26.09 -4.12
CA CYS A 58 10.25 25.86 -5.46
C CYS A 58 9.62 26.86 -6.42
N ASN A 59 10.38 27.86 -6.83
CA ASN A 59 9.84 29.00 -7.58
C ASN A 59 9.42 28.72 -9.03
N ARG A 60 9.60 27.50 -9.50
CA ARG A 60 9.11 27.09 -10.81
C ARG A 60 7.57 27.14 -10.86
N ALA A 61 6.94 26.88 -9.71
CA ALA A 61 5.48 26.98 -9.59
C ALA A 61 5.16 26.86 -8.11
N TYR A 62 4.45 27.86 -7.57
CA TYR A 62 4.02 27.81 -6.18
C TYR A 62 2.71 27.03 -6.11
N VAL A 63 2.79 25.77 -5.72
CA VAL A 63 1.63 24.89 -5.79
C VAL A 63 1.08 24.59 -4.39
N GLY A 64 -0.25 24.65 -4.31
CA GLY A 64 -0.97 24.34 -3.07
C GLY A 64 -2.14 23.42 -3.39
N ALA A 65 -2.41 22.48 -2.47
CA ALA A 65 -3.47 21.50 -2.65
C ALA A 65 -4.25 21.33 -1.35
N VAL A 66 -5.56 21.19 -1.48
CA VAL A 66 -6.46 20.98 -0.34
C VAL A 66 -7.33 19.78 -0.67
N LEU A 67 -7.28 18.77 0.20
CA LEU A 67 -8.07 17.55 0.01
C LEU A 67 -9.35 17.66 0.84
N VAL A 68 -10.50 17.43 0.18
CA VAL A 68 -11.81 17.68 0.76
C VAL A 68 -12.70 16.43 0.72
N LYS A 69 -13.39 16.16 1.83
CA LYS A 69 -14.36 15.07 1.90
C LYS A 69 -15.66 15.67 2.46
N ASN A 70 -16.73 15.57 1.70
CA ASN A 70 -18.02 16.14 2.13
C ASN A 70 -17.88 17.60 2.61
N ASN A 71 -17.16 18.39 1.83
CA ASN A 71 -16.94 19.81 2.11
C ASN A 71 -16.20 20.10 3.42
N ARG A 72 -15.48 19.09 3.91
CA ARG A 72 -14.53 19.28 5.04
C ARG A 72 -13.09 19.12 4.57
N ILE A 73 -12.20 19.98 5.08
CA ILE A 73 -10.78 19.85 4.73
C ILE A 73 -10.14 18.75 5.59
N ILE A 74 -9.51 17.77 4.95
CA ILE A 74 -8.90 16.66 5.69
C ILE A 74 -7.37 16.62 5.58
N ALA A 75 -6.85 17.32 4.59
CA ALA A 75 -5.40 17.37 4.37
C ALA A 75 -5.05 18.50 3.42
N THR A 76 -3.80 18.97 3.51
CA THR A 76 -3.31 20.01 2.59
C THR A 76 -1.86 19.70 2.25
N GLY A 77 -1.34 20.40 1.24
CA GLY A 77 0.06 20.25 0.88
C GLY A 77 0.55 21.35 -0.04
N TYR A 78 1.84 21.68 0.08
CA TYR A 78 2.50 22.54 -0.89
C TYR A 78 3.74 21.82 -1.42
N ASN A 79 4.30 22.32 -2.52
CA ASN A 79 5.50 21.69 -3.08
C ASN A 79 6.75 22.18 -2.38
N GLY A 80 7.57 21.22 -1.96
CA GLY A 80 8.83 21.53 -1.25
C GLY A 80 9.64 20.25 -1.17
N GLY A 81 10.89 20.36 -0.71
CA GLY A 81 11.73 19.19 -0.58
C GLY A 81 11.16 18.20 0.43
N VAL A 82 11.68 16.98 0.41
CA VAL A 82 11.37 16.02 1.46
C VAL A 82 11.62 16.69 2.82
N ALA A 83 10.73 16.47 3.79
CA ALA A 83 10.87 17.09 5.11
C ALA A 83 12.28 16.86 5.66
N ASP A 84 12.86 17.92 6.23
CA ASP A 84 14.20 17.86 6.86
C ASP A 84 15.33 17.75 5.84
N THR A 85 15.02 17.96 4.57
CA THR A 85 16.06 18.00 3.51
C THR A 85 16.06 19.39 2.84
N ASP A 86 16.95 19.60 1.89
CA ASP A 86 17.13 20.93 1.30
C ASP A 86 15.95 21.35 0.40
N ASN A 87 15.65 22.64 0.40
CA ASN A 87 14.64 23.21 -0.51
C ASN A 87 15.27 23.98 -1.67
N CYS A 88 14.55 24.06 -2.79
CA CYS A 88 15.07 24.77 -3.98
C CYS A 88 15.45 26.22 -3.68
N ASP A 89 14.66 26.88 -2.82
CA ASP A 89 14.92 28.26 -2.41
C ASP A 89 16.37 28.43 -1.92
N ASP A 90 16.89 27.40 -1.27
CA ASP A 90 18.20 27.47 -0.64
C ASP A 90 19.34 26.88 -1.45
N VAL A 91 19.07 25.79 -2.18
CA VAL A 91 20.14 25.08 -2.88
C VAL A 91 19.96 24.98 -4.39
N GLY A 92 18.87 25.57 -4.90
CA GLY A 92 18.53 25.48 -6.32
C GLY A 92 17.69 24.26 -6.65
N HIS A 93 17.12 24.27 -7.85
CA HIS A 93 16.34 23.16 -8.34
C HIS A 93 17.23 21.96 -8.65
N GLU A 94 16.64 20.77 -8.64
CA GLU A 94 17.32 19.58 -9.14
C GLU A 94 16.63 19.20 -10.44
N MET A 95 17.18 19.64 -11.57
CA MET A 95 16.51 19.49 -12.86
C MET A 95 16.79 18.14 -13.53
N GLU A 96 15.74 17.50 -14.02
CA GLU A 96 15.89 16.27 -14.79
C GLU A 96 14.81 16.21 -15.87
N ASP A 97 15.24 16.12 -17.12
CA ASP A 97 14.31 16.12 -18.26
C ASP A 97 13.27 17.27 -18.22
N GLY A 98 13.72 18.46 -17.82
CA GLY A 98 12.88 19.66 -17.88
C GLY A 98 11.91 19.82 -16.71
N HIS A 99 12.08 18.99 -15.68
CA HIS A 99 11.27 19.05 -14.46
C HIS A 99 12.17 19.17 -13.24
N CYS A 100 11.73 19.92 -12.22
CA CYS A 100 12.44 19.92 -10.96
C CYS A 100 12.03 18.70 -10.14
N ILE A 101 12.98 17.80 -9.91
CA ILE A 101 12.69 16.56 -9.17
C ILE A 101 12.95 16.65 -7.65
N ARG A 102 13.33 17.84 -7.18
CA ARG A 102 13.65 17.99 -5.76
C ARG A 102 12.41 17.82 -4.89
N THR A 103 11.27 18.30 -5.39
CA THR A 103 10.12 18.49 -4.52
C THR A 103 9.19 17.28 -4.44
N VAL A 104 8.61 17.09 -3.26
CA VAL A 104 7.36 16.36 -3.13
C VAL A 104 6.27 17.35 -3.56
N HIS A 105 5.44 16.93 -4.52
CA HIS A 105 4.42 17.82 -5.07
C HIS A 105 3.32 18.12 -4.06
N ALA A 106 2.58 19.22 -4.29
CA ALA A 106 1.53 19.64 -3.36
C ALA A 106 0.50 18.53 -3.16
N GLU A 107 -0.01 18.00 -4.26
CA GLU A 107 -1.02 16.93 -4.22
C GLU A 107 -0.51 15.71 -3.46
N MET A 108 0.75 15.35 -3.73
CA MET A 108 1.40 14.23 -3.06
C MET A 108 1.54 14.48 -1.57
N ASN A 109 1.87 15.72 -1.19
CA ASN A 109 1.96 16.07 0.24
C ASN A 109 0.63 15.91 0.95
N ALA A 110 -0.48 16.23 0.26
CA ALA A 110 -1.82 15.97 0.82
C ALA A 110 -2.09 14.48 1.02
N LEU A 111 -1.83 13.69 -0.03
CA LEU A 111 -2.04 12.25 0.04
C LEU A 111 -1.13 11.60 1.09
N ILE A 112 0.11 12.06 1.15
CA ILE A 112 1.07 11.47 2.09
C ILE A 112 0.73 11.85 3.53
N GLN A 113 0.16 13.04 3.74
CA GLN A 113 -0.39 13.35 5.06
C GLN A 113 -1.37 12.26 5.49
N CYS A 114 -2.26 11.87 4.56
CA CYS A 114 -3.23 10.82 4.83
C CYS A 114 -2.55 9.46 5.11
N ALA A 115 -1.57 9.10 4.29
CA ALA A 115 -0.87 7.81 4.48
C ALA A 115 -0.09 7.80 5.79
N LYS A 116 0.57 8.90 6.11
CA LYS A 116 1.40 8.97 7.31
C LYS A 116 0.57 8.93 8.60
N GLU A 117 -0.53 9.69 8.62
CA GLU A 117 -1.43 9.82 9.78
C GLU A 117 -2.42 8.64 9.90
N GLY A 118 -2.78 8.05 8.75
CA GLY A 118 -3.85 7.06 8.70
C GLY A 118 -5.22 7.74 8.60
N ILE A 119 -5.36 8.63 7.63
CA ILE A 119 -6.62 9.32 7.35
C ILE A 119 -7.08 8.83 5.99
N SER A 120 -8.35 8.44 5.85
CA SER A 120 -8.81 7.88 4.57
C SER A 120 -9.04 8.95 3.51
N ALA A 121 -8.34 8.82 2.37
CA ALA A 121 -8.50 9.73 1.25
C ALA A 121 -9.54 9.24 0.22
N ASN A 122 -10.17 8.09 0.48
CA ASN A 122 -11.14 7.53 -0.46
C ASN A 122 -12.36 8.44 -0.54
N ASN A 123 -12.93 8.58 -1.74
CA ASN A 123 -14.17 9.38 -1.91
C ASN A 123 -14.02 10.85 -1.53
N THR A 124 -12.86 11.38 -1.87
CA THR A 124 -12.58 12.80 -1.67
C THR A 124 -12.58 13.52 -3.03
N GLU A 125 -12.48 14.85 -2.97
CA GLU A 125 -12.11 15.65 -4.13
C GLU A 125 -10.93 16.52 -3.72
N ILE A 126 -10.21 17.02 -4.72
CA ILE A 126 -9.05 17.86 -4.45
C ILE A 126 -9.19 19.19 -5.18
N TYR A 127 -8.70 20.25 -4.54
CA TYR A 127 -8.58 21.58 -5.14
C TYR A 127 -7.09 21.88 -5.15
N VAL A 128 -6.59 22.28 -6.31
CA VAL A 128 -5.16 22.45 -6.50
C VAL A 128 -4.92 23.69 -7.36
N THR A 129 -3.85 24.43 -7.06
CA THR A 129 -3.56 25.67 -7.79
C THR A 129 -3.15 25.37 -9.25
N HIS A 130 -2.54 24.20 -9.46
CA HIS A 130 -1.99 23.82 -10.77
C HIS A 130 -2.48 22.44 -11.15
N PHE A 131 -2.81 22.26 -12.43
CA PHE A 131 -3.22 20.94 -12.95
C PHE A 131 -2.22 19.85 -12.60
N PRO A 132 -2.69 18.70 -12.07
CA PRO A 132 -1.75 17.65 -11.63
C PRO A 132 -0.92 17.00 -12.73
N CYS A 133 0.38 16.85 -12.46
CA CYS A 133 1.28 16.10 -13.32
C CYS A 133 0.86 14.64 -13.40
N ILE A 134 1.49 13.88 -14.28
CA ILE A 134 1.06 12.49 -14.48
C ILE A 134 1.24 11.65 -13.20
N ASN A 135 2.32 11.90 -12.46
CA ASN A 135 2.56 11.13 -11.23
C ASN A 135 1.51 11.41 -10.16
N CYS A 136 1.20 12.69 -9.97
CA CYS A 136 0.16 13.09 -9.02
C CYS A 136 -1.21 12.58 -9.47
N THR A 137 -1.48 12.67 -10.77
CA THR A 137 -2.75 12.16 -11.32
C THR A 137 -2.94 10.67 -11.00
N LYS A 138 -1.91 9.85 -11.28
CA LYS A 138 -2.01 8.42 -10.96
C LYS A 138 -2.28 8.20 -9.47
N ALA A 139 -1.54 8.90 -8.61
CA ALA A 139 -1.67 8.69 -7.17
C ALA A 139 -3.06 9.11 -6.69
N LEU A 140 -3.53 10.26 -7.15
CA LEU A 140 -4.88 10.75 -6.80
C LEU A 140 -5.97 9.75 -7.21
N LEU A 141 -5.92 9.33 -8.47
CA LEU A 141 -6.92 8.40 -9.00
C LEU A 141 -6.87 7.09 -8.20
N GLN A 142 -5.67 6.60 -7.95
CA GLN A 142 -5.50 5.34 -7.21
C GLN A 142 -5.98 5.43 -5.75
N ALA A 143 -5.89 6.63 -5.18
CA ALA A 143 -6.29 6.85 -3.78
C ALA A 143 -7.80 6.97 -3.60
N GLY A 144 -8.54 7.07 -4.70
CA GLY A 144 -9.99 7.26 -4.64
C GLY A 144 -10.47 8.70 -4.66
N VAL A 145 -9.61 9.60 -5.15
CA VAL A 145 -10.02 11.01 -5.36
C VAL A 145 -10.92 11.01 -6.59
N LYS A 146 -12.10 11.62 -6.46
CA LYS A 146 -13.19 11.48 -7.44
C LYS A 146 -13.39 12.70 -8.34
N LYS A 147 -12.79 13.82 -7.96
CA LYS A 147 -12.90 15.07 -8.73
C LYS A 147 -11.68 15.92 -8.44
N ILE A 148 -11.22 16.62 -9.48
CA ILE A 148 -10.05 17.47 -9.42
C ILE A 148 -10.44 18.85 -9.92
N THR A 149 -10.28 19.87 -9.07
CA THR A 149 -10.54 21.26 -9.44
C THR A 149 -9.21 22.03 -9.39
N TYR A 150 -8.86 22.70 -10.48
CA TYR A 150 -7.55 23.36 -10.59
C TYR A 150 -7.70 24.77 -11.13
N ASN A 151 -6.72 25.63 -10.85
CA ASN A 151 -6.71 26.99 -11.35
C ASN A 151 -5.89 27.10 -12.65
N THR A 152 -4.59 26.88 -12.54
CA THR A 152 -3.65 27.08 -13.65
C THR A 152 -3.53 25.82 -14.50
N ALA A 153 -3.68 25.99 -15.82
CA ALA A 153 -3.52 24.88 -16.76
C ALA A 153 -2.02 24.63 -17.01
N TYR A 154 -1.37 24.09 -15.97
CA TYR A 154 0.09 23.96 -15.94
C TYR A 154 0.54 22.66 -16.61
N ARG A 155 1.27 22.79 -17.72
CA ARG A 155 1.92 21.65 -18.35
C ARG A 155 1.01 20.42 -18.41
N ILE A 156 -0.20 20.60 -18.95
CA ILE A 156 -1.18 19.51 -18.94
C ILE A 156 -0.71 18.33 -19.80
N HIS A 157 -0.50 17.19 -19.12
CA HIS A 157 -0.04 15.98 -19.80
C HIS A 157 -1.22 15.26 -20.47
N PRO A 158 -1.15 15.05 -21.81
CA PRO A 158 -2.27 14.37 -22.46
C PRO A 158 -2.59 12.98 -21.90
N PHE A 159 -1.58 12.30 -21.35
CA PHE A 159 -1.84 10.99 -20.75
C PHE A 159 -2.58 11.11 -19.40
N ALA A 160 -2.35 12.21 -18.69
CA ALA A 160 -3.11 12.53 -17.47
C ALA A 160 -4.58 12.68 -17.82
N ILE A 161 -4.86 13.41 -18.91
CA ILE A 161 -6.23 13.55 -19.40
C ILE A 161 -6.84 12.19 -19.77
N GLU A 162 -6.07 11.36 -20.48
CA GLU A 162 -6.52 10.04 -20.88
C GLU A 162 -6.94 9.21 -19.65
N LEU A 163 -6.12 9.23 -18.61
CA LEU A 163 -6.40 8.45 -17.40
C LEU A 163 -7.62 8.98 -16.64
N MET A 164 -7.69 10.29 -16.45
CA MET A 164 -8.85 10.87 -15.78
C MET A 164 -10.13 10.51 -16.53
N THR A 165 -10.06 10.58 -17.85
CA THR A 165 -11.20 10.21 -18.69
C THR A 165 -11.62 8.75 -18.50
N GLN A 166 -10.67 7.82 -18.56
CA GLN A 166 -10.95 6.40 -18.42
C GLN A 166 -11.46 6.06 -17.02
N LYS A 167 -10.90 6.73 -16.02
CA LYS A 167 -11.26 6.49 -14.63
C LYS A 167 -12.56 7.21 -14.26
N GLU A 168 -13.06 8.06 -15.16
CA GLU A 168 -14.31 8.83 -14.99
C GLU A 168 -14.25 9.89 -13.86
N VAL A 169 -13.13 10.58 -13.79
CA VAL A 169 -12.93 11.64 -12.79
C VAL A 169 -13.01 13.00 -13.47
N GLU A 170 -13.87 13.89 -12.98
CA GLU A 170 -14.00 15.23 -13.55
C GLU A 170 -12.81 16.10 -13.17
N TYR A 171 -12.38 16.93 -14.12
CA TYR A 171 -11.31 17.91 -13.92
C TYR A 171 -11.77 19.31 -14.33
N VAL A 172 -12.11 20.08 -13.33
CA VAL A 172 -12.78 21.36 -13.52
C VAL A 172 -11.79 22.51 -13.30
N GLN A 173 -11.72 23.44 -14.27
CA GLN A 173 -10.94 24.65 -14.07
C GLN A 173 -11.80 25.63 -13.30
N HIS A 174 -11.20 26.23 -12.27
CA HIS A 174 -11.85 27.27 -11.50
C HIS A 174 -10.84 28.29 -10.99
N ASP A 175 -11.08 29.56 -11.30
CA ASP A 175 -10.20 30.65 -10.87
C ASP A 175 -10.19 30.81 -9.36
N VAL A 176 -9.04 31.15 -8.81
CA VAL A 176 -8.95 31.57 -7.42
C VAL A 176 -9.70 32.91 -7.29
N PRO A 177 -10.62 33.02 -6.32
CA PRO A 177 -11.36 34.27 -6.16
C PRO A 177 -10.47 35.37 -5.57
N ARG A 178 -10.79 36.63 -5.84
CA ARG A 178 -10.07 37.74 -5.23
C ARG A 178 -10.51 37.87 -3.77
N VAL A 179 -9.57 37.58 -2.87
CA VAL A 179 -9.83 37.61 -1.42
C VAL A 179 -8.70 38.33 -0.69
N LYS A 180 -9.07 39.29 0.15
CA LYS A 180 -8.10 40.03 0.94
C LYS A 180 -8.24 39.63 2.41
N LEU A 181 -7.13 39.15 2.98
CA LEU A 181 -7.09 38.75 4.38
C LEU A 181 -6.23 39.71 5.16
N GLY A 182 -6.62 39.95 6.41
CA GLY A 182 -5.79 40.73 7.33
C GLY A 182 -6.09 42.22 7.25
N GLU A 183 -5.42 42.98 8.12
CA GLU A 183 -5.63 44.41 8.34
C GLU A 183 -7.01 44.72 8.91
N ARG B 38 14.15 -21.90 9.97
CA ARG B 38 13.08 -21.35 9.09
C ARG B 38 13.49 -19.98 8.54
N LEU B 39 12.62 -19.37 7.72
CA LEU B 39 12.94 -18.10 7.09
C LEU B 39 13.12 -16.98 8.13
N SER B 40 14.24 -16.28 8.04
CA SER B 40 14.46 -15.05 8.81
C SER B 40 13.41 -14.00 8.42
N TRP B 41 13.22 -12.99 9.27
CA TRP B 41 12.27 -11.92 8.93
C TRP B 41 12.59 -11.33 7.56
N GLN B 42 13.87 -11.05 7.33
CA GLN B 42 14.31 -10.49 6.06
C GLN B 42 13.96 -11.37 4.87
N ASP B 43 14.26 -12.67 4.98
CA ASP B 43 13.94 -13.62 3.91
C ASP B 43 12.44 -13.75 3.72
N TYR B 44 11.71 -13.82 4.84
CA TYR B 44 10.25 -13.92 4.85
C TYR B 44 9.61 -12.77 4.07
N PHE B 45 10.05 -11.54 4.31
CA PHE B 45 9.42 -10.39 3.64
C PHE B 45 9.90 -10.20 2.20
N MET B 46 11.16 -10.52 1.93
CA MET B 46 11.67 -10.42 0.56
C MET B 46 10.97 -11.46 -0.32
N ALA B 47 10.81 -12.66 0.21
CA ALA B 47 10.02 -13.69 -0.47
C ALA B 47 8.60 -13.16 -0.75
N ASN B 48 7.99 -12.52 0.26
CA ASN B 48 6.64 -12.00 0.09
C ASN B 48 6.63 -10.95 -1.04
N ALA B 49 7.58 -10.02 -1.01
CA ALA B 49 7.67 -9.02 -2.07
C ALA B 49 7.74 -9.64 -3.47
N GLU B 50 8.56 -10.69 -3.61
CA GLU B 50 8.62 -11.37 -4.90
C GLU B 50 7.29 -12.02 -5.28
N LEU B 51 6.64 -12.69 -4.34
CA LEU B 51 5.32 -13.28 -4.62
C LEU B 51 4.32 -12.20 -5.05
N ILE B 52 4.32 -11.09 -4.32
CA ILE B 52 3.45 -9.94 -4.61
C ILE B 52 3.66 -9.43 -6.05
N SER B 53 4.90 -9.48 -6.53
CA SER B 53 5.25 -9.05 -7.89
C SER B 53 4.67 -9.92 -9.00
N LYS B 54 4.17 -11.11 -8.66
CA LYS B 54 3.66 -12.04 -9.67
C LYS B 54 2.43 -11.53 -10.45
N ARG B 55 1.74 -10.53 -9.93
CA ARG B 55 0.60 -9.96 -10.65
C ARG B 55 0.95 -8.70 -11.45
N SER B 56 2.23 -8.31 -11.47
CA SER B 56 2.66 -7.15 -12.25
C SER B 56 2.19 -7.24 -13.70
N THR B 57 1.71 -6.12 -14.23
CA THR B 57 1.19 -6.06 -15.61
C THR B 57 2.03 -5.12 -16.49
N CYS B 58 3.28 -4.90 -16.09
CA CYS B 58 4.24 -4.16 -16.93
C CYS B 58 5.54 -4.93 -17.03
N ASN B 59 5.82 -5.49 -18.21
CA ASN B 59 6.92 -6.43 -18.35
C ASN B 59 8.33 -5.83 -18.40
N ARG B 60 8.43 -4.50 -18.26
CA ARG B 60 9.74 -3.85 -18.11
C ARG B 60 10.41 -4.23 -16.79
N ALA B 61 9.60 -4.49 -15.77
CA ALA B 61 10.09 -4.95 -14.48
C ALA B 61 8.90 -5.41 -13.66
N TYR B 62 8.94 -6.66 -13.21
CA TYR B 62 7.87 -7.17 -12.37
C TYR B 62 8.15 -6.79 -10.92
N VAL B 63 7.49 -5.75 -10.43
CA VAL B 63 7.83 -5.17 -9.13
C VAL B 63 6.77 -5.48 -8.07
N GLY B 64 7.23 -5.86 -6.89
CA GLY B 64 6.38 -6.15 -5.71
C GLY B 64 6.94 -5.44 -4.49
N ALA B 65 6.04 -4.94 -3.64
CA ALA B 65 6.42 -4.25 -2.42
C ALA B 65 5.52 -4.70 -1.29
N VAL B 66 6.13 -4.83 -0.11
CA VAL B 66 5.44 -5.17 1.12
C VAL B 66 5.85 -4.14 2.16
N LEU B 67 4.85 -3.50 2.75
CA LEU B 67 5.07 -2.50 3.78
C LEU B 67 4.85 -3.12 5.16
N VAL B 68 5.84 -2.94 6.03
CA VAL B 68 5.94 -3.68 7.29
C VAL B 68 6.06 -2.74 8.48
N LYS B 69 5.28 -2.99 9.53
CA LYS B 69 5.40 -2.23 10.77
C LYS B 69 5.57 -3.22 11.92
N ASN B 70 6.70 -3.12 12.62
CA ASN B 70 6.99 -4.03 13.73
C ASN B 70 6.81 -5.50 13.31
N ASN B 71 7.40 -5.85 12.17
CA ASN B 71 7.30 -7.19 11.58
C ASN B 71 5.90 -7.71 11.24
N ARG B 72 4.94 -6.79 11.08
CA ARG B 72 3.60 -7.11 10.55
C ARG B 72 3.41 -6.48 9.16
N ILE B 73 2.78 -7.22 8.26
CA ILE B 73 2.48 -6.70 6.92
C ILE B 73 1.22 -5.86 7.04
N ILE B 74 1.34 -4.60 6.60
CA ILE B 74 0.19 -3.66 6.67
C ILE B 74 -0.36 -3.23 5.30
N ALA B 75 0.43 -3.43 4.26
CA ALA B 75 -0.01 -3.10 2.89
C ALA B 75 0.96 -3.76 1.91
N THR B 76 0.49 -3.93 0.68
CA THR B 76 1.35 -4.47 -0.38
C THR B 76 1.01 -3.76 -1.68
N GLY B 77 1.84 -3.95 -2.69
CA GLY B 77 1.56 -3.39 -4.00
C GLY B 77 2.42 -3.99 -5.10
N TYR B 78 1.85 -4.03 -6.29
CA TYR B 78 2.61 -4.39 -7.49
C TYR B 78 2.46 -3.30 -8.55
N ASN B 79 3.37 -3.28 -9.54
CA ASN B 79 3.23 -2.27 -10.58
C ASN B 79 2.18 -2.65 -11.65
N GLY B 80 1.28 -1.72 -11.90
CA GLY B 80 0.22 -1.90 -12.89
C GLY B 80 -0.48 -0.57 -13.14
N GLY B 81 -1.38 -0.55 -14.12
CA GLY B 81 -2.11 0.69 -14.41
C GLY B 81 -2.97 1.09 -13.23
N VAL B 82 -3.46 2.32 -13.27
CA VAL B 82 -4.45 2.76 -12.30
C VAL B 82 -5.59 1.73 -12.31
N ALA B 83 -6.13 1.42 -11.13
CA ALA B 83 -7.23 0.46 -11.02
C ALA B 83 -8.35 0.84 -12.02
N ASP B 84 -8.88 -0.16 -12.71
CA ASP B 84 -9.96 0.06 -13.69
C ASP B 84 -9.51 0.80 -14.95
N THR B 85 -8.20 0.88 -15.18
CA THR B 85 -7.69 1.44 -16.43
C THR B 85 -6.85 0.39 -17.19
N ASP B 86 -6.45 0.72 -18.41
CA ASP B 86 -5.66 -0.20 -19.24
C ASP B 86 -4.31 -0.54 -18.61
N ASN B 87 -3.89 -1.79 -18.82
CA ASN B 87 -2.56 -2.25 -18.39
C ASN B 87 -1.62 -2.45 -19.58
N CYS B 88 -0.32 -2.36 -19.32
CA CYS B 88 0.68 -2.49 -20.38
C CYS B 88 0.57 -3.82 -21.10
N ASP B 89 0.24 -4.88 -20.35
CA ASP B 89 0.08 -6.23 -20.92
C ASP B 89 -0.90 -6.22 -22.09
N ASP B 90 -1.91 -5.36 -22.01
CA ASP B 90 -2.98 -5.34 -23.02
C ASP B 90 -2.87 -4.28 -24.09
N VAL B 91 -2.35 -3.11 -23.73
CA VAL B 91 -2.30 -1.98 -24.67
C VAL B 91 -0.89 -1.47 -24.95
N GLY B 92 0.11 -2.06 -24.30
CA GLY B 92 1.51 -1.62 -24.45
C GLY B 92 1.92 -0.58 -23.42
N HIS B 93 3.24 -0.38 -23.30
CA HIS B 93 3.77 0.64 -22.40
C HIS B 93 3.43 2.05 -22.89
N GLU B 94 3.38 3.00 -21.95
CA GLU B 94 3.29 4.42 -22.29
C GLU B 94 4.65 5.01 -21.97
N MET B 95 5.51 5.11 -23.00
CA MET B 95 6.90 5.49 -22.79
C MET B 95 7.11 6.99 -22.86
N GLU B 96 7.85 7.52 -21.88
CA GLU B 96 8.27 8.91 -21.88
C GLU B 96 9.66 9.02 -21.25
N ASP B 97 10.59 9.66 -21.97
CA ASP B 97 11.96 9.80 -21.51
C ASP B 97 12.59 8.51 -20.98
N GLY B 98 12.28 7.40 -21.66
CA GLY B 98 12.88 6.10 -21.34
C GLY B 98 12.28 5.40 -20.12
N HIS B 99 11.12 5.87 -19.68
CA HIS B 99 10.39 5.22 -18.60
C HIS B 99 8.96 4.91 -19.03
N CYS B 100 8.40 3.81 -18.54
CA CYS B 100 6.98 3.56 -18.76
C CYS B 100 6.21 4.32 -17.69
N ILE B 101 5.40 5.28 -18.13
CA ILE B 101 4.61 6.12 -17.22
C ILE B 101 3.18 5.63 -17.00
N ARG B 102 2.82 4.46 -17.56
CA ARG B 102 1.46 3.95 -17.39
C ARG B 102 1.19 3.54 -15.95
N THR B 103 2.20 2.97 -15.31
CA THR B 103 1.96 2.24 -14.06
C THR B 103 2.00 3.10 -12.79
N VAL B 104 1.13 2.75 -11.84
CA VAL B 104 1.35 3.11 -10.45
C VAL B 104 2.40 2.10 -9.97
N HIS B 105 3.50 2.60 -9.41
CA HIS B 105 4.60 1.76 -8.99
C HIS B 105 4.25 0.90 -7.78
N ALA B 106 4.96 -0.20 -7.59
CA ALA B 106 4.65 -1.12 -6.48
C ALA B 106 4.64 -0.41 -5.13
N GLU B 107 5.71 0.35 -4.87
CA GLU B 107 5.87 1.07 -3.60
C GLU B 107 4.73 2.07 -3.40
N MET B 108 4.40 2.79 -4.47
CA MET B 108 3.32 3.77 -4.46
C MET B 108 1.98 3.07 -4.20
N ASN B 109 1.77 1.90 -4.81
CA ASN B 109 0.55 1.14 -4.51
C ASN B 109 0.42 0.74 -3.03
N ALA B 110 1.54 0.36 -2.40
CA ALA B 110 1.50 0.07 -0.96
C ALA B 110 1.16 1.32 -0.16
N LEU B 111 1.79 2.45 -0.48
CA LEU B 111 1.52 3.71 0.24
C LEU B 111 0.10 4.20 0.01
N ILE B 112 -0.36 4.10 -1.23
CA ILE B 112 -1.69 4.57 -1.57
C ILE B 112 -2.77 3.68 -0.95
N GLN B 113 -2.48 2.38 -0.78
CA GLN B 113 -3.37 1.54 0.01
C GLN B 113 -3.59 2.17 1.40
N CYS B 114 -2.50 2.61 2.03
CA CYS B 114 -2.58 3.27 3.33
C CYS B 114 -3.42 4.56 3.25
N ALA B 115 -3.15 5.39 2.25
CA ALA B 115 -3.87 6.66 2.09
C ALA B 115 -5.37 6.41 1.86
N LYS B 116 -5.68 5.43 1.01
CA LYS B 116 -7.07 5.19 0.63
C LYS B 116 -7.87 4.68 1.82
N GLU B 117 -7.29 3.70 2.54
CA GLU B 117 -7.99 3.02 3.63
C GLU B 117 -7.90 3.77 4.96
N GLY B 118 -6.88 4.63 5.11
CA GLY B 118 -6.59 5.30 6.38
C GLY B 118 -5.81 4.42 7.35
N ILE B 119 -4.71 3.84 6.85
CA ILE B 119 -3.79 2.99 7.62
C ILE B 119 -2.53 3.82 7.76
N SER B 120 -1.94 3.90 8.95
CA SER B 120 -0.75 4.75 9.12
C SER B 120 0.50 4.03 8.61
N ALA B 121 1.24 4.70 7.72
CA ALA B 121 2.50 4.20 7.17
C ALA B 121 3.72 4.76 7.90
N ASN B 122 3.49 5.57 8.93
CA ASN B 122 4.60 6.15 9.69
C ASN B 122 5.34 5.04 10.46
N ASN B 123 6.67 5.14 10.53
CA ASN B 123 7.47 4.20 11.31
C ASN B 123 7.41 2.77 10.80
N THR B 124 7.34 2.67 9.48
CA THR B 124 7.38 1.39 8.78
C THR B 124 8.74 1.16 8.14
N GLU B 125 8.92 -0.04 7.60
CA GLU B 125 9.97 -0.31 6.63
C GLU B 125 9.34 -0.95 5.40
N ILE B 126 10.06 -0.93 4.29
CA ILE B 126 9.51 -1.54 3.08
C ILE B 126 10.50 -2.56 2.52
N TYR B 127 9.95 -3.64 1.98
CA TYR B 127 10.69 -4.66 1.24
C TYR B 127 10.18 -4.59 -0.21
N VAL B 128 11.10 -4.46 -1.14
CA VAL B 128 10.71 -4.28 -2.55
C VAL B 128 11.63 -5.09 -3.45
N THR B 129 11.06 -5.65 -4.50
CA THR B 129 11.86 -6.44 -5.45
C THR B 129 12.92 -5.61 -6.18
N HIS B 130 12.62 -4.33 -6.38
CA HIS B 130 13.48 -3.42 -7.18
C HIS B 130 13.76 -2.14 -6.41
N PHE B 131 14.99 -1.64 -6.50
CA PHE B 131 15.36 -0.35 -5.91
C PHE B 131 14.38 0.77 -6.30
N PRO B 132 13.90 1.55 -5.32
CA PRO B 132 12.89 2.58 -5.66
C PRO B 132 13.40 3.72 -6.51
N CYS B 133 12.60 4.10 -7.51
CA CYS B 133 12.88 5.29 -8.30
C CYS B 133 12.82 6.55 -7.44
N ILE B 134 13.20 7.69 -8.02
CA ILE B 134 13.22 8.93 -7.24
C ILE B 134 11.81 9.33 -6.74
N ASN B 135 10.78 9.13 -7.55
CA ASN B 135 9.42 9.50 -7.12
C ASN B 135 8.95 8.67 -5.94
N CYS B 136 9.17 7.36 -6.02
CA CYS B 136 8.82 6.45 -4.92
C CYS B 136 9.66 6.77 -3.70
N THR B 137 10.96 7.00 -3.91
CA THR B 137 11.83 7.33 -2.78
C THR B 137 11.32 8.56 -2.00
N LYS B 138 10.99 9.63 -2.72
CA LYS B 138 10.49 10.86 -2.07
C LYS B 138 9.21 10.57 -1.28
N ALA B 139 8.30 9.82 -1.89
CA ALA B 139 7.04 9.51 -1.22
C ALA B 139 7.24 8.65 0.03
N LEU B 140 8.06 7.61 -0.09
CA LEU B 140 8.37 6.73 1.05
C LEU B 140 9.00 7.51 2.20
N LEU B 141 10.00 8.32 1.88
CA LEU B 141 10.68 9.11 2.92
C LEU B 141 9.71 10.07 3.58
N GLN B 142 8.86 10.71 2.76
CA GLN B 142 7.91 11.69 3.26
C GLN B 142 6.83 11.05 4.16
N ALA B 143 6.52 9.78 3.88
CA ALA B 143 5.49 9.01 4.60
C ALA B 143 5.95 8.49 5.95
N GLY B 144 7.26 8.55 6.20
CA GLY B 144 7.81 8.05 7.48
C GLY B 144 8.35 6.63 7.40
N VAL B 145 8.62 6.15 6.18
CA VAL B 145 9.27 4.85 6.00
C VAL B 145 10.74 5.00 6.39
N LYS B 146 11.20 4.09 7.24
CA LYS B 146 12.47 4.26 7.96
C LYS B 146 13.61 3.37 7.45
N LYS B 147 13.29 2.42 6.59
CA LYS B 147 14.28 1.48 6.05
C LYS B 147 13.74 0.91 4.76
N ILE B 148 14.64 0.69 3.80
CA ILE B 148 14.29 0.15 2.50
C ILE B 148 15.17 -1.07 2.25
N THR B 149 14.55 -2.22 1.99
CA THR B 149 15.29 -3.43 1.62
C THR B 149 14.84 -3.82 0.21
N TYR B 150 15.80 -4.09 -0.68
CA TYR B 150 15.46 -4.33 -2.10
C TYR B 150 16.30 -5.48 -2.63
N ASN B 151 15.86 -6.09 -3.73
CA ASN B 151 16.62 -7.18 -4.33
C ASN B 151 17.44 -6.70 -5.52
N THR B 152 16.75 -6.32 -6.59
CA THR B 152 17.38 -5.89 -7.84
C THR B 152 17.79 -4.43 -7.77
N ALA B 153 19.04 -4.17 -8.14
CA ALA B 153 19.58 -2.81 -8.13
C ALA B 153 19.15 -2.06 -9.39
N TYR B 154 17.85 -1.85 -9.51
CA TYR B 154 17.22 -1.31 -10.72
C TYR B 154 17.40 0.20 -10.85
N ARG B 155 18.07 0.63 -11.93
CA ARG B 155 18.13 2.05 -12.32
C ARG B 155 18.33 2.98 -11.12
N ILE B 156 19.37 2.72 -10.35
CA ILE B 156 19.62 3.52 -9.14
C ILE B 156 19.85 4.98 -9.50
N HIS B 157 19.04 5.86 -8.91
CA HIS B 157 19.17 7.29 -9.11
C HIS B 157 20.00 7.89 -7.96
N PRO B 158 21.09 8.64 -8.29
CA PRO B 158 21.96 9.13 -7.21
C PRO B 158 21.26 10.12 -6.27
N PHE B 159 20.23 10.79 -6.77
CA PHE B 159 19.49 11.73 -5.92
C PHE B 159 18.65 10.97 -4.89
N ALA B 160 18.14 9.80 -5.28
CA ALA B 160 17.41 8.94 -4.35
C ALA B 160 18.33 8.51 -3.21
N ILE B 161 19.55 8.08 -3.56
CA ILE B 161 20.55 7.73 -2.54
C ILE B 161 20.83 8.92 -1.63
N GLU B 162 21.01 10.10 -2.24
CA GLU B 162 21.30 11.32 -1.49
C GLU B 162 20.24 11.58 -0.42
N LEU B 163 18.97 11.52 -0.82
CA LEU B 163 17.87 11.75 0.13
C LEU B 163 17.76 10.69 1.21
N MET B 164 17.90 9.42 0.84
CA MET B 164 17.87 8.35 1.84
C MET B 164 18.97 8.57 2.88
N THR B 165 20.15 8.94 2.40
CA THR B 165 21.30 9.17 3.27
C THR B 165 21.06 10.35 4.22
N GLN B 166 20.55 11.44 3.66
CA GLN B 166 20.25 12.62 4.45
C GLN B 166 19.20 12.33 5.54
N LYS B 167 18.23 11.49 5.20
CA LYS B 167 17.17 11.10 6.14
C LYS B 167 17.56 9.95 7.08
N GLU B 168 18.80 9.47 6.96
CA GLU B 168 19.30 8.34 7.77
C GLU B 168 18.42 7.09 7.63
N VAL B 169 18.00 6.86 6.39
CA VAL B 169 17.22 5.67 6.01
C VAL B 169 18.15 4.74 5.26
N GLU B 170 18.41 3.58 5.85
CA GLU B 170 19.25 2.55 5.23
C GLU B 170 18.56 1.95 4.01
N TYR B 171 19.33 1.69 2.96
CA TYR B 171 18.86 0.98 1.77
C TYR B 171 19.72 -0.30 1.65
N VAL B 172 19.10 -1.42 1.94
CA VAL B 172 19.81 -2.68 2.11
C VAL B 172 19.50 -3.62 0.96
N GLN B 173 20.53 -4.09 0.25
CA GLN B 173 20.31 -5.13 -0.76
C GLN B 173 20.17 -6.48 -0.09
N HIS B 174 19.11 -7.21 -0.47
CA HIS B 174 18.93 -8.57 0.03
C HIS B 174 18.26 -9.45 -1.03
N ASP B 175 18.91 -10.56 -1.33
CA ASP B 175 18.39 -11.53 -2.29
C ASP B 175 17.08 -12.17 -1.84
N VAL B 176 16.17 -12.37 -2.79
CA VAL B 176 15.00 -13.20 -2.55
C VAL B 176 15.45 -14.65 -2.30
N PRO B 177 15.03 -15.25 -1.17
CA PRO B 177 15.40 -16.64 -0.88
C PRO B 177 14.73 -17.61 -1.84
N ARG B 178 15.34 -18.79 -2.03
CA ARG B 178 14.71 -19.83 -2.84
C ARG B 178 13.64 -20.51 -2.02
N VAL B 179 12.39 -20.34 -2.44
CA VAL B 179 11.23 -20.90 -1.74
C VAL B 179 10.30 -21.52 -2.76
N LYS B 180 9.87 -22.75 -2.48
CA LYS B 180 8.91 -23.45 -3.32
C LYS B 180 7.59 -23.62 -2.57
N LEU B 181 6.52 -23.09 -3.16
CA LEU B 181 5.19 -23.18 -2.57
C LEU B 181 4.33 -24.16 -3.36
N GLY B 182 3.42 -24.83 -2.66
CA GLY B 182 2.47 -25.74 -3.29
C GLY B 182 3.07 -27.09 -3.62
N GLU B 183 2.21 -28.01 -4.04
CA GLU B 183 2.62 -29.36 -4.40
C GLU B 183 2.66 -29.45 -5.91
N ARG C 38 -0.66 -15.84 -15.47
CA ARG C 38 -0.64 -14.92 -14.29
C ARG C 38 -1.54 -15.46 -13.17
N LEU C 39 -1.04 -15.42 -11.93
CA LEU C 39 -1.82 -15.94 -10.79
C LEU C 39 -3.13 -15.19 -10.63
N SER C 40 -4.24 -15.93 -10.63
CA SER C 40 -5.54 -15.39 -10.26
C SER C 40 -5.47 -14.83 -8.84
N TRP C 41 -6.46 -14.02 -8.47
CA TRP C 41 -6.51 -13.52 -7.08
C TRP C 41 -6.51 -14.67 -6.07
N GLN C 42 -7.31 -15.70 -6.34
CA GLN C 42 -7.42 -16.85 -5.45
C GLN C 42 -6.05 -17.53 -5.28
N ASP C 43 -5.36 -17.77 -6.39
CA ASP C 43 -4.03 -18.39 -6.35
C ASP C 43 -3.01 -17.48 -5.67
N TYR C 44 -3.04 -16.19 -6.00
CA TYR C 44 -2.18 -15.16 -5.40
C TYR C 44 -2.26 -15.16 -3.87
N PHE C 45 -3.48 -15.16 -3.34
CA PHE C 45 -3.64 -15.08 -1.88
C PHE C 45 -3.40 -16.42 -1.19
N MET C 46 -3.77 -17.53 -1.83
CA MET C 46 -3.49 -18.84 -1.21
C MET C 46 -1.98 -19.09 -1.14
N ALA C 47 -1.27 -18.74 -2.21
CA ALA C 47 0.20 -18.81 -2.21
C ALA C 47 0.75 -17.94 -1.08
N ASN C 48 0.18 -16.76 -0.90
CA ASN C 48 0.66 -15.87 0.16
C ASN C 48 0.44 -16.52 1.54
N ALA C 49 -0.74 -17.11 1.75
CA ALA C 49 -1.02 -17.83 3.00
C ALA C 49 -0.01 -18.94 3.30
N GLU C 50 0.34 -19.71 2.28
CA GLU C 50 1.36 -20.74 2.46
C GLU C 50 2.75 -20.16 2.78
N LEU C 51 3.11 -19.07 2.11
CA LEU C 51 4.39 -18.42 2.40
C LEU C 51 4.39 -17.91 3.85
N ILE C 52 3.27 -17.29 4.24
CA ILE C 52 3.10 -16.78 5.62
C ILE C 52 3.30 -17.89 6.67
N SER C 53 2.86 -19.10 6.35
CA SER C 53 2.97 -20.26 7.26
C SER C 53 4.42 -20.70 7.53
N LYS C 54 5.36 -20.21 6.70
CA LYS C 54 6.76 -20.67 6.78
C LYS C 54 7.46 -20.30 8.09
N ARG C 55 6.89 -19.37 8.85
CA ARG C 55 7.45 -19.02 10.15
C ARG C 55 6.73 -19.70 11.33
N SER C 56 5.79 -20.61 11.04
CA SER C 56 5.07 -21.36 12.09
C SER C 56 6.08 -22.04 13.03
N THR C 57 5.82 -21.95 14.33
CA THR C 57 6.68 -22.55 15.35
C THR C 57 5.98 -23.69 16.12
N CYS C 58 4.98 -24.29 15.47
CA CYS C 58 4.30 -25.46 16.03
C CYS C 58 4.14 -26.51 14.95
N ASN C 59 4.92 -27.59 15.07
CA ASN C 59 5.05 -28.54 13.98
C ASN C 59 3.88 -29.51 13.82
N ARG C 60 2.83 -29.32 14.61
CA ARG C 60 1.60 -30.08 14.42
C ARG C 60 0.88 -29.68 13.12
N ALA C 61 0.98 -28.39 12.78
CA ALA C 61 0.49 -27.86 11.51
C ALA C 61 1.12 -26.50 11.28
N TYR C 62 1.76 -26.31 10.13
CA TYR C 62 2.29 -25.00 9.79
C TYR C 62 1.17 -24.19 9.14
N VAL C 63 0.60 -23.24 9.90
CA VAL C 63 -0.59 -22.54 9.45
C VAL C 63 -0.26 -21.08 9.14
N GLY C 64 -0.78 -20.60 8.00
CA GLY C 64 -0.65 -19.20 7.61
C GLY C 64 -2.02 -18.67 7.19
N ALA C 65 -2.24 -17.39 7.48
CA ALA C 65 -3.50 -16.72 7.14
C ALA C 65 -3.23 -15.33 6.60
N VAL C 66 -4.03 -14.93 5.62
CA VAL C 66 -3.93 -13.61 5.00
C VAL C 66 -5.35 -13.05 4.95
N LEU C 67 -5.53 -11.89 5.58
CA LEU C 67 -6.81 -11.22 5.65
C LEU C 67 -6.87 -10.17 4.54
N VAL C 68 -7.96 -10.19 3.76
CA VAL C 68 -8.06 -9.43 2.51
C VAL C 68 -9.33 -8.60 2.48
N LYS C 69 -9.21 -7.35 2.04
CA LYS C 69 -10.36 -6.46 1.88
C LYS C 69 -10.25 -5.84 0.49
N ASN C 70 -11.24 -6.11 -0.37
CA ASN C 70 -11.23 -5.58 -1.74
C ASN C 70 -9.91 -5.92 -2.46
N ASN C 71 -9.50 -7.20 -2.35
CA ASN C 71 -8.27 -7.70 -2.97
C ASN C 71 -6.96 -7.03 -2.50
N ARG C 72 -7.03 -6.36 -1.34
CA ARG C 72 -5.83 -5.81 -0.68
C ARG C 72 -5.51 -6.60 0.59
N ILE C 73 -4.24 -6.89 0.84
CA ILE C 73 -3.84 -7.55 2.09
C ILE C 73 -3.78 -6.54 3.22
N ILE C 74 -4.53 -6.80 4.30
CA ILE C 74 -4.55 -5.86 5.46
C ILE C 74 -3.94 -6.42 6.74
N ALA C 75 -3.78 -7.74 6.80
CA ALA C 75 -3.19 -8.41 7.98
C ALA C 75 -2.80 -9.83 7.60
N THR C 76 -1.86 -10.39 8.36
CA THR C 76 -1.46 -11.78 8.15
C THR C 76 -1.16 -12.40 9.51
N GLY C 77 -1.02 -13.72 9.55
CA GLY C 77 -0.69 -14.39 10.80
C GLY C 77 -0.24 -15.81 10.56
N TYR C 78 0.66 -16.27 11.42
CA TYR C 78 0.99 -17.68 11.48
C TYR C 78 0.80 -18.20 12.91
N ASN C 79 0.74 -19.52 13.07
CA ASN C 79 0.60 -20.08 14.41
C ASN C 79 1.93 -20.12 15.18
N GLY C 80 1.90 -19.56 16.38
CA GLY C 80 3.08 -19.52 17.26
C GLY C 80 2.66 -19.10 18.65
N GLY C 81 3.57 -19.21 19.62
CA GLY C 81 3.27 -18.76 20.97
C GLY C 81 2.92 -17.29 21.01
N VAL C 82 2.31 -16.87 22.12
CA VAL C 82 2.12 -15.45 22.37
C VAL C 82 3.47 -14.75 22.16
N ALA C 83 3.45 -13.57 21.53
CA ALA C 83 4.67 -12.79 21.30
C ALA C 83 5.46 -12.64 22.59
N ASP C 84 6.77 -12.88 22.52
CA ASP C 84 7.69 -12.79 23.67
C ASP C 84 7.49 -13.92 24.69
N THR C 85 6.86 -15.02 24.27
CA THR C 85 6.77 -16.22 25.14
C THR C 85 7.36 -17.44 24.41
N ASP C 86 7.44 -18.55 25.12
CA ASP C 86 8.00 -19.79 24.57
C ASP C 86 7.21 -20.29 23.36
N ASN C 87 7.95 -20.83 22.39
CA ASN C 87 7.36 -21.52 21.24
C ASN C 87 7.51 -23.03 21.34
N CYS C 88 6.61 -23.77 20.67
CA CYS C 88 6.64 -25.23 20.68
C CYS C 88 7.96 -25.79 20.16
N ASP C 89 8.55 -25.11 19.18
CA ASP C 89 9.84 -25.52 18.62
C ASP C 89 10.91 -25.66 19.69
N ASP C 90 10.79 -24.86 20.75
CA ASP C 90 11.83 -24.78 21.77
C ASP C 90 11.52 -25.55 23.05
N VAL C 91 10.26 -25.53 23.48
CA VAL C 91 9.89 -26.11 24.78
C VAL C 91 8.87 -27.24 24.67
N GLY C 92 8.43 -27.54 23.44
CA GLY C 92 7.45 -28.59 23.18
C GLY C 92 6.03 -28.07 23.17
N HIS C 93 5.10 -28.88 22.65
CA HIS C 93 3.69 -28.54 22.61
C HIS C 93 3.09 -28.48 24.02
N GLU C 94 1.97 -27.78 24.18
CA GLU C 94 1.23 -27.82 25.42
C GLU C 94 -0.08 -28.48 25.08
N MET C 95 -0.14 -29.78 25.32
CA MET C 95 -1.26 -30.57 24.84
C MET C 95 -2.41 -30.59 25.85
N GLU C 96 -3.62 -30.36 25.36
CA GLU C 96 -4.83 -30.53 26.16
C GLU C 96 -5.96 -31.05 25.27
N ASP C 97 -6.58 -32.15 25.69
CA ASP C 97 -7.67 -32.79 24.94
C ASP C 97 -7.36 -32.94 23.44
N GLY C 98 -6.12 -33.32 23.14
CA GLY C 98 -5.70 -33.65 21.78
C GLY C 98 -5.41 -32.45 20.88
N HIS C 99 -5.28 -31.28 21.48
CA HIS C 99 -4.89 -30.05 20.78
C HIS C 99 -3.71 -29.37 21.47
N CYS C 100 -2.84 -28.76 20.69
CA CYS C 100 -1.80 -27.93 21.28
C CYS C 100 -2.39 -26.56 21.57
N ILE C 101 -2.45 -26.20 22.85
CA ILE C 101 -3.03 -24.93 23.28
C ILE C 101 -1.98 -23.83 23.48
N ARG C 102 -0.73 -24.09 23.11
CA ARG C 102 0.31 -23.09 23.29
C ARG C 102 0.12 -21.90 22.35
N THR C 103 -0.32 -22.18 21.12
CA THR C 103 -0.24 -21.19 20.06
C THR C 103 -1.42 -20.25 19.99
N VAL C 104 -1.13 -19.00 19.62
CA VAL C 104 -2.12 -18.14 18.99
C VAL C 104 -2.21 -18.62 17.53
N HIS C 105 -3.42 -18.93 17.10
CA HIS C 105 -3.64 -19.49 15.76
C HIS C 105 -3.38 -18.46 14.67
N ALA C 106 -3.09 -18.93 13.46
CA ALA C 106 -2.81 -18.03 12.33
C ALA C 106 -3.94 -17.02 12.11
N GLU C 107 -5.17 -17.52 12.03
CA GLU C 107 -6.35 -16.66 11.79
C GLU C 107 -6.49 -15.64 12.91
N MET C 108 -6.29 -16.12 14.15
CA MET C 108 -6.39 -15.26 15.30
C MET C 108 -5.31 -14.18 15.28
N ASN C 109 -4.10 -14.54 14.88
CA ASN C 109 -3.03 -13.55 14.70
C ASN C 109 -3.34 -12.44 13.69
N ALA C 110 -4.05 -12.80 12.61
CA ALA C 110 -4.49 -11.80 11.64
C ALA C 110 -5.54 -10.87 12.24
N LEU C 111 -6.52 -11.45 12.93
CA LEU C 111 -7.57 -10.65 13.56
C LEU C 111 -7.00 -9.76 14.67
N ILE C 112 -6.08 -10.32 15.47
CA ILE C 112 -5.50 -9.55 16.56
C ILE C 112 -4.57 -8.45 16.06
N GLN C 113 -3.93 -8.67 14.91
CA GLN C 113 -3.20 -7.56 14.29
C GLN C 113 -4.15 -6.37 14.10
N CYS C 114 -5.35 -6.66 13.58
CA CYS C 114 -6.37 -5.62 13.40
C CYS C 114 -6.77 -4.98 14.72
N ALA C 115 -7.04 -5.79 15.75
CA ALA C 115 -7.44 -5.24 17.06
C ALA C 115 -6.34 -4.40 17.68
N LYS C 116 -5.09 -4.86 17.57
CA LYS C 116 -3.98 -4.14 18.20
C LYS C 116 -3.71 -2.79 17.53
N GLU C 117 -3.69 -2.78 16.20
CA GLU C 117 -3.39 -1.59 15.41
C GLU C 117 -4.59 -0.64 15.30
N GLY C 118 -5.79 -1.21 15.30
CA GLY C 118 -7.01 -0.43 15.07
C GLY C 118 -7.31 -0.34 13.58
N ILE C 119 -7.30 -1.51 12.92
CA ILE C 119 -7.62 -1.65 11.49
C ILE C 119 -8.91 -2.44 11.44
N SER C 120 -9.86 -2.02 10.59
CA SER C 120 -11.15 -2.70 10.53
C SER C 120 -11.10 -4.01 9.75
N ALA C 121 -11.52 -5.09 10.42
CA ALA C 121 -11.62 -6.41 9.80
C ALA C 121 -13.02 -6.69 9.24
N ASN C 122 -13.93 -5.72 9.35
CA ASN C 122 -15.29 -5.92 8.84
C ASN C 122 -15.31 -6.00 7.32
N ASN C 123 -16.15 -6.87 6.77
CA ASN C 123 -16.31 -7.01 5.31
C ASN C 123 -15.02 -7.44 4.60
N THR C 124 -14.32 -8.37 5.24
CA THR C 124 -13.10 -8.93 4.68
C THR C 124 -13.37 -10.37 4.26
N GLU C 125 -12.39 -10.97 3.61
CA GLU C 125 -12.35 -12.41 3.44
C GLU C 125 -10.98 -12.89 3.93
N ILE C 126 -10.86 -14.18 4.20
CA ILE C 126 -9.58 -14.70 4.66
C ILE C 126 -9.15 -15.90 3.81
N TYR C 127 -7.85 -16.00 3.60
CA TYR C 127 -7.23 -17.14 2.95
C TYR C 127 -6.36 -17.80 4.01
N VAL C 128 -6.58 -19.10 4.20
CA VAL C 128 -5.88 -19.82 5.27
C VAL C 128 -5.41 -21.19 4.76
N THR C 129 -4.24 -21.62 5.21
CA THR C 129 -3.69 -22.91 4.77
C THR C 129 -4.50 -24.10 5.30
N HIS C 130 -5.16 -23.89 6.44
CA HIS C 130 -5.88 -24.96 7.14
C HIS C 130 -7.26 -24.47 7.53
N PHE C 131 -8.27 -25.33 7.36
CA PHE C 131 -9.64 -25.02 7.77
C PHE C 131 -9.67 -24.54 9.23
N PRO C 132 -10.38 -23.43 9.51
CA PRO C 132 -10.35 -22.86 10.88
C PRO C 132 -11.03 -23.74 11.94
N CYS C 133 -10.38 -23.85 13.11
CA CYS C 133 -10.96 -24.53 14.26
C CYS C 133 -12.19 -23.76 14.74
N ILE C 134 -12.92 -24.32 15.71
CA ILE C 134 -14.16 -23.68 16.17
C ILE C 134 -13.91 -22.28 16.78
N ASN C 135 -12.82 -22.16 17.53
CA ASN C 135 -12.50 -20.88 18.14
C ASN C 135 -12.20 -19.80 17.11
N CYS C 136 -11.37 -20.14 16.12
CA CYS C 136 -11.09 -19.20 15.04
C CYS C 136 -12.34 -18.88 14.25
N THR C 137 -13.15 -19.91 13.99
CA THR C 137 -14.40 -19.73 13.24
C THR C 137 -15.30 -18.69 13.92
N LYS C 138 -15.51 -18.85 15.23
CA LYS C 138 -16.35 -17.90 15.97
C LYS C 138 -15.79 -16.48 15.88
N ALA C 139 -14.49 -16.34 16.06
CA ALA C 139 -13.87 -15.00 16.05
C ALA C 139 -13.99 -14.36 14.67
N LEU C 140 -13.74 -15.15 13.63
CA LEU C 140 -13.80 -14.65 12.26
C LEU C 140 -15.22 -14.18 11.92
N LEU C 141 -16.20 -15.01 12.24
CA LEU C 141 -17.59 -14.69 11.94
C LEU C 141 -18.01 -13.44 12.69
N GLN C 142 -17.61 -13.37 13.97
CA GLN C 142 -17.98 -12.24 14.81
C GLN C 142 -17.32 -10.93 14.34
N ALA C 143 -16.15 -11.05 13.72
CA ALA C 143 -15.38 -9.87 13.26
C ALA C 143 -15.91 -9.28 11.95
N GLY C 144 -16.80 -10.00 11.27
CA GLY C 144 -17.35 -9.54 10.00
C GLY C 144 -16.64 -10.12 8.78
N VAL C 145 -15.87 -11.19 8.99
CA VAL C 145 -15.27 -11.92 7.87
C VAL C 145 -16.39 -12.68 7.13
N LYS C 146 -16.46 -12.45 5.81
CA LYS C 146 -17.61 -12.88 5.00
C LYS C 146 -17.36 -14.11 4.14
N LYS C 147 -16.09 -14.49 4.00
CA LYS C 147 -15.72 -15.62 3.15
C LYS C 147 -14.40 -16.19 3.66
N ILE C 148 -14.30 -17.51 3.63
CA ILE C 148 -13.14 -18.24 4.11
C ILE C 148 -12.69 -19.20 3.00
N THR C 149 -11.46 -19.05 2.55
CA THR C 149 -10.89 -19.96 1.55
C THR C 149 -9.73 -20.70 2.22
N TYR C 150 -9.73 -22.02 2.12
CA TYR C 150 -8.75 -22.81 2.87
C TYR C 150 -8.17 -23.90 1.95
N ASN C 151 -6.96 -24.35 2.28
CA ASN C 151 -6.33 -25.42 1.50
C ASN C 151 -6.65 -26.79 2.11
N THR C 152 -6.07 -27.05 3.28
CA THR C 152 -6.16 -28.35 3.94
C THR C 152 -7.44 -28.48 4.77
N ALA C 153 -8.16 -29.59 4.55
CA ALA C 153 -9.35 -29.92 5.31
C ALA C 153 -8.93 -30.46 6.70
N TYR C 154 -8.39 -29.57 7.51
CA TYR C 154 -7.76 -29.93 8.77
C TYR C 154 -8.77 -30.05 9.91
N ARG C 155 -8.97 -31.27 10.42
CA ARG C 155 -9.80 -31.49 11.61
C ARG C 155 -11.08 -30.67 11.58
N ILE C 156 -11.85 -30.81 10.50
CA ILE C 156 -13.01 -29.95 10.31
C ILE C 156 -14.08 -30.22 11.38
N HIS C 157 -14.38 -29.19 12.17
CA HIS C 157 -15.34 -29.32 13.25
C HIS C 157 -16.77 -29.16 12.73
N PRO C 158 -17.64 -30.17 12.94
CA PRO C 158 -19.01 -30.05 12.39
C PRO C 158 -19.76 -28.82 12.93
N PHE C 159 -19.46 -28.40 14.16
CA PHE C 159 -20.09 -27.21 14.70
C PHE C 159 -19.60 -25.91 14.02
N ALA C 160 -18.34 -25.90 13.58
CA ALA C 160 -17.82 -24.77 12.79
C ALA C 160 -18.62 -24.65 11.49
N ILE C 161 -18.86 -25.78 10.84
CA ILE C 161 -19.69 -25.80 9.62
C ILE C 161 -21.10 -25.29 9.90
N GLU C 162 -21.68 -25.73 11.02
CA GLU C 162 -23.02 -25.31 11.40
C GLU C 162 -23.09 -23.78 11.53
N LEU C 163 -22.09 -23.22 12.21
CA LEU C 163 -22.01 -21.77 12.41
C LEU C 163 -21.81 -20.99 11.10
N MET C 164 -20.86 -21.41 10.27
CA MET C 164 -20.67 -20.78 8.97
C MET C 164 -21.95 -20.80 8.15
N THR C 165 -22.66 -21.93 8.19
CA THR C 165 -23.89 -22.07 7.45
C THR C 165 -24.97 -21.09 7.94
N GLN C 166 -25.17 -21.05 9.26
CA GLN C 166 -26.20 -20.18 9.85
C GLN C 166 -25.87 -18.70 9.64
N LYS C 167 -24.58 -18.37 9.72
CA LYS C 167 -24.11 -17.00 9.56
C LYS C 167 -24.03 -16.59 8.07
N GLU C 168 -24.23 -17.57 7.19
CA GLU C 168 -24.19 -17.37 5.74
C GLU C 168 -22.82 -16.91 5.26
N VAL C 169 -21.79 -17.50 5.86
CA VAL C 169 -20.42 -17.25 5.45
C VAL C 169 -19.96 -18.34 4.52
N GLU C 170 -19.54 -17.91 3.34
CA GLU C 170 -19.06 -18.79 2.30
C GLU C 170 -17.70 -19.39 2.69
N TYR C 171 -17.55 -20.69 2.51
CA TYR C 171 -16.25 -21.33 2.69
C TYR C 171 -15.96 -22.13 1.43
N VAL C 172 -14.69 -22.06 1.00
CA VAL C 172 -14.26 -22.60 -0.30
C VAL C 172 -12.90 -23.28 -0.14
N GLN C 173 -12.80 -24.53 -0.60
CA GLN C 173 -11.50 -25.21 -0.65
C GLN C 173 -10.75 -24.77 -1.91
N HIS C 174 -9.48 -24.41 -1.76
CA HIS C 174 -8.65 -24.08 -2.90
C HIS C 174 -7.20 -24.46 -2.64
N ASP C 175 -6.63 -25.25 -3.55
CA ASP C 175 -5.22 -25.67 -3.46
C ASP C 175 -4.24 -24.51 -3.56
N VAL C 176 -3.15 -24.59 -2.81
CA VAL C 176 -2.04 -23.64 -2.99
C VAL C 176 -1.42 -23.92 -4.37
N PRO C 177 -1.26 -22.88 -5.22
CA PRO C 177 -0.64 -23.13 -6.54
C PRO C 177 0.84 -23.44 -6.41
N ARG C 178 1.41 -24.12 -7.42
CA ARG C 178 2.86 -24.36 -7.46
C ARG C 178 3.58 -23.08 -7.88
N VAL C 179 4.36 -22.51 -6.97
CA VAL C 179 5.08 -21.27 -7.23
C VAL C 179 6.50 -21.38 -6.70
N LYS C 180 7.48 -21.05 -7.54
CA LYS C 180 8.88 -21.00 -7.12
C LYS C 180 9.34 -19.56 -7.04
N LEU C 181 9.94 -19.20 -5.91
CA LEU C 181 10.46 -17.87 -5.68
C LEU C 181 11.97 -17.94 -5.55
N GLY C 182 12.66 -16.88 -5.96
CA GLY C 182 14.12 -16.78 -5.83
C GLY C 182 14.88 -17.54 -6.90
N GLU C 183 16.18 -17.28 -6.97
CA GLU C 183 17.05 -17.95 -7.95
C GLU C 183 17.61 -19.24 -7.38
#